data_6JME
#
_entry.id   6JME
#
_cell.length_a   90.605
_cell.length_b   90.605
_cell.length_c   123.057
_cell.angle_alpha   90.00
_cell.angle_beta   90.00
_cell.angle_gamma   120.00
#
_symmetry.space_group_name_H-M   'P 32 2 1'
#
loop_
_entity.id
_entity.type
_entity.pdbx_description
1 polymer 'Dihydroorotate dehydrogenase (quinone), mitochondrial'
2 non-polymer 'FLAVIN MONONUCLEOTIDE'
3 non-polymer 'OROTIC ACID'
4 non-polymer 'SULFATE ION'
5 non-polymer 'ACETATE ION'
6 non-polymer 'LAURYL DIMETHYLAMINE-N-OXIDE'
7 non-polymer 3-[3,5-bis(fluoranyl)-4-(2-fluorophenyl)phenyl]benzo[f]benzotriazole-4,9-dione
8 non-polymer 'SODIUM ION'
9 water water
#
_entity_poly.entity_id   1
_entity_poly.type   'polypeptide(L)'
_entity_poly.pdbx_seq_one_letter_code
;ATGDERFYAEHLMPTLQGLLDPESAHRLAVRFTSLGLLPRARFQDSDMLEVRVLGHKFRNPVGIAAGFDKHGEAVDGLYK
MGFGFVEIGSVTPKPQEGNPRPRVFRLPEDQAVINRYGFNSHGLSVVEHRLRARQQKQAKLTEDGLPLGVNLGKNKTSVD
AAEDYAEGVRVLGPLADYLVVNVSSPNTAGLRSLQGKAELRRLLTKVLQERDGLRRVHRPAVLVKIAPDLTSQDKEDIAS
VVKELGIDGLIVTNTTVSRPAGLQGALRSETGGLSGKPLRDLSTQTIREMYALTQGRVPIIGVGGVSSGQDALEKIRAGA
SLVQLYTALTFWGPPVVGKVKRELEALLKEQGFGGVTDAIGADHRR
;
_entity_poly.pdbx_strand_id   A
#
loop_
_chem_comp.id
_chem_comp.type
_chem_comp.name
_chem_comp.formula
ACT non-polymer 'ACETATE ION' 'C2 H3 O2 -1'
BVU non-polymer 3-[3,5-bis(fluoranyl)-4-(2-fluorophenyl)phenyl]benzo[f]benzotriazole-4,9-dione 'C22 H10 F3 N3 O2'
FMN non-polymer 'FLAVIN MONONUCLEOTIDE' 'C17 H21 N4 O9 P'
LDA non-polymer 'LAURYL DIMETHYLAMINE-N-OXIDE' 'C14 H31 N O'
NA non-polymer 'SODIUM ION' 'Na 1'
ORO non-polymer 'OROTIC ACID' 'C5 H4 N2 O4'
SO4 non-polymer 'SULFATE ION' 'O4 S -2'
#
# COMPACT_ATOMS: atom_id res chain seq x y z
N ALA A 1 -6.98 24.84 -3.75
CA ALA A 1 -5.89 23.91 -3.52
C ALA A 1 -5.26 24.11 -2.15
N THR A 2 -4.42 25.13 -2.02
CA THR A 2 -3.70 25.40 -0.78
C THR A 2 -4.66 25.83 0.32
N GLY A 3 -5.86 26.26 -0.07
CA GLY A 3 -6.89 26.66 0.89
C GLY A 3 -7.49 25.46 1.60
N ASP A 4 -7.95 24.48 0.82
CA ASP A 4 -8.48 23.24 1.36
C ASP A 4 -7.46 22.55 2.27
N GLU A 5 -6.20 22.52 1.82
CA GLU A 5 -5.13 21.85 2.56
C GLU A 5 -5.03 22.35 3.99
N ARG A 6 -4.97 23.67 4.16
CA ARG A 6 -4.82 24.26 5.47
C ARG A 6 -6.06 24.08 6.34
N PHE A 7 -7.25 24.16 5.73
CA PHE A 7 -8.48 23.99 6.48
C PHE A 7 -8.59 22.60 7.07
N TYR A 8 -8.35 21.59 6.23
CA TYR A 8 -8.39 20.20 6.68
C TYR A 8 -7.35 19.94 7.77
N ALA A 9 -6.13 20.38 7.52
CA ALA A 9 -5.01 20.09 8.41
C ALA A 9 -5.15 20.78 9.77
N GLU A 10 -5.70 22.00 9.78
CA GLU A 10 -5.70 22.83 10.98
C GLU A 10 -7.03 22.84 11.73
N HIS A 11 -8.11 22.46 11.05
CA HIS A 11 -9.44 22.58 11.63
C HIS A 11 -10.28 21.31 11.53
N LEU A 12 -10.55 20.85 10.31
CA LEU A 12 -11.48 19.75 10.13
C LEU A 12 -10.95 18.44 10.71
N MET A 13 -9.73 18.05 10.36
CA MET A 13 -9.20 16.77 10.82
C MET A 13 -9.00 16.73 12.34
N PRO A 14 -8.41 17.78 12.92
CA PRO A 14 -8.32 17.79 14.39
C PRO A 14 -9.68 17.69 15.09
N THR A 15 -10.71 18.27 14.49
CA THR A 15 -12.04 18.24 15.07
C THR A 15 -12.64 16.85 14.98
N LEU A 16 -12.54 16.23 13.80
CA LEU A 16 -13.02 14.86 13.60
C LEU A 16 -12.36 13.91 14.59
N GLN A 17 -11.05 14.05 14.75
CA GLN A 17 -10.30 13.22 15.67
C GLN A 17 -10.77 13.40 17.11
N GLY A 18 -11.18 14.62 17.43
CA GLY A 18 -11.68 14.93 18.76
C GLY A 18 -13.04 14.29 19.02
N LEU A 19 -13.82 14.08 17.97
CA LEU A 19 -15.17 13.57 18.10
C LEU A 19 -15.22 12.04 18.02
N LEU A 20 -14.38 11.48 17.15
CA LEU A 20 -14.47 10.09 16.78
C LEU A 20 -13.22 9.30 17.12
N ASP A 21 -13.43 8.12 17.70
CA ASP A 21 -12.35 7.16 17.87
C ASP A 21 -11.84 6.77 16.48
N PRO A 22 -10.60 6.29 16.37
CA PRO A 22 -10.03 6.10 15.04
C PRO A 22 -10.77 5.10 14.16
N GLU A 23 -11.26 3.99 14.71
CA GLU A 23 -11.96 3.03 13.85
C GLU A 23 -13.27 3.63 13.31
N SER A 24 -14.00 4.34 14.16
CA SER A 24 -15.21 5.04 13.69
C SER A 24 -14.88 6.07 12.63
N ALA A 25 -13.79 6.81 12.83
CA ALA A 25 -13.37 7.83 11.88
C ALA A 25 -13.04 7.16 10.54
N HIS A 26 -12.35 6.02 10.61
CA HIS A 26 -12.01 5.26 9.41
C HIS A 26 -13.27 4.86 8.64
N ARG A 27 -14.23 4.27 9.34
CA ARG A 27 -15.47 3.83 8.70
C ARG A 27 -16.19 5.01 8.04
N LEU A 28 -16.22 6.14 8.71
CA LEU A 28 -16.85 7.34 8.15
C LEU A 28 -16.12 7.77 6.89
N ALA A 29 -14.79 7.77 6.94
CA ALA A 29 -13.98 8.15 5.80
C ALA A 29 -14.25 7.26 4.59
N VAL A 30 -14.35 5.95 4.81
CA VAL A 30 -14.63 5.03 3.73
C VAL A 30 -16.02 5.33 3.15
N ARG A 31 -16.98 5.60 4.03
CA ARG A 31 -18.34 5.88 3.58
C ARG A 31 -18.41 7.16 2.73
N PHE A 32 -17.84 8.25 3.24
CA PHE A 32 -17.81 9.50 2.50
C PHE A 32 -17.13 9.32 1.17
N THR A 33 -16.00 8.61 1.18
CA THR A 33 -15.23 8.44 -0.05
C THR A 33 -16.04 7.64 -1.06
N SER A 34 -16.69 6.57 -0.61
CA SER A 34 -17.45 5.72 -1.51
C SER A 34 -18.60 6.49 -2.15
N LEU A 35 -19.10 7.50 -1.44
CA LEU A 35 -20.20 8.34 -1.96
C LEU A 35 -19.71 9.53 -2.78
N GLY A 36 -18.40 9.70 -2.89
CA GLY A 36 -17.83 10.79 -3.67
C GLY A 36 -17.93 12.15 -3.00
N LEU A 37 -18.17 12.16 -1.69
CA LEU A 37 -18.27 13.40 -0.93
C LEU A 37 -16.87 13.90 -0.59
N LEU A 38 -16.25 14.55 -1.56
CA LEU A 38 -14.84 14.88 -1.49
C LEU A 38 -14.58 16.28 -2.01
N PRO A 39 -13.59 16.97 -1.45
CA PRO A 39 -13.11 18.16 -2.16
C PRO A 39 -12.43 17.70 -3.44
N ARG A 40 -13.20 17.53 -4.52
CA ARG A 40 -12.67 16.93 -5.75
C ARG A 40 -11.37 17.59 -6.17
N ALA A 41 -10.38 16.76 -6.47
CA ALA A 41 -9.01 17.22 -6.69
C ALA A 41 -8.90 18.17 -7.87
N ARG A 42 -8.33 19.35 -7.62
CA ARG A 42 -8.17 20.36 -8.64
C ARG A 42 -6.86 20.18 -9.41
N PHE A 43 -5.93 19.42 -8.83
CA PHE A 43 -4.63 19.20 -9.45
C PHE A 43 -4.75 18.33 -10.71
N GLN A 44 -4.32 18.88 -11.84
CA GLN A 44 -4.24 18.14 -13.10
C GLN A 44 -2.87 17.48 -13.23
N ASP A 45 -2.86 16.16 -13.39
CA ASP A 45 -1.59 15.43 -13.44
C ASP A 45 -0.81 15.80 -14.70
N SER A 46 0.42 16.25 -14.51
CA SER A 46 1.29 16.57 -15.64
C SER A 46 1.99 15.33 -16.15
N ASP A 47 2.52 15.41 -17.36
CA ASP A 47 3.17 14.28 -18.00
C ASP A 47 4.42 13.80 -17.25
N MET A 48 5.06 14.68 -16.49
CA MET A 48 6.28 14.25 -15.84
C MET A 48 6.00 13.38 -14.61
N LEU A 49 4.73 13.22 -14.25
CA LEU A 49 4.37 12.31 -13.16
C LEU A 49 4.01 10.92 -13.66
N GLU A 50 3.90 10.74 -14.97
CA GLU A 50 3.52 9.44 -15.51
C GLU A 50 4.64 8.41 -15.38
N VAL A 51 4.27 7.18 -15.00
CA VAL A 51 5.20 6.07 -14.88
C VAL A 51 4.67 4.84 -15.58
N ARG A 52 5.53 4.18 -16.35
CA ARG A 52 5.20 2.90 -16.95
C ARG A 52 5.97 1.76 -16.27
N VAL A 53 5.22 0.89 -15.59
CA VAL A 53 5.83 -0.19 -14.82
C VAL A 53 4.76 -1.27 -14.57
N LEU A 54 5.19 -2.51 -14.30
CA LEU A 54 4.29 -3.63 -14.00
C LEU A 54 3.32 -3.92 -15.14
N GLY A 55 3.70 -3.52 -16.35
CA GLY A 55 2.89 -3.74 -17.54
C GLY A 55 1.78 -2.73 -17.73
N HIS A 56 1.85 -1.63 -16.98
CA HIS A 56 0.79 -0.62 -17.02
C HIS A 56 1.31 0.81 -16.99
N LYS A 57 0.43 1.72 -17.40
CA LYS A 57 0.66 3.14 -17.28
C LYS A 57 0.02 3.62 -16.00
N PHE A 58 0.77 4.41 -15.24
CA PHE A 58 0.26 5.06 -14.04
C PHE A 58 0.31 6.56 -14.28
N ARG A 59 -0.85 7.21 -14.28
CA ARG A 59 -0.97 8.64 -14.57
C ARG A 59 -0.18 9.50 -13.58
N ASN A 60 -0.13 9.06 -12.33
CA ASN A 60 0.77 9.65 -11.33
C ASN A 60 1.22 8.52 -10.40
N PRO A 61 2.31 8.73 -9.65
CA PRO A 61 2.94 7.63 -8.91
C PRO A 61 2.45 7.51 -7.46
N VAL A 62 1.38 8.20 -7.09
CA VAL A 62 0.90 8.24 -5.71
C VAL A 62 -0.37 7.41 -5.55
N GLY A 63 -0.25 6.29 -4.83
CA GLY A 63 -1.37 5.40 -4.61
C GLY A 63 -1.84 5.34 -3.17
N ILE A 64 -3.02 4.78 -2.96
CA ILE A 64 -3.53 4.53 -1.62
C ILE A 64 -3.08 3.12 -1.23
N ALA A 65 -2.44 3.02 -0.08
CA ALA A 65 -1.93 1.77 0.43
C ALA A 65 -3.06 0.85 0.87
N ALA A 66 -2.77 -0.45 0.89
CA ALA A 66 -3.69 -1.43 1.42
C ALA A 66 -4.12 -1.09 2.84
N GLY A 67 -5.36 -1.44 3.16
CA GLY A 67 -5.86 -1.34 4.50
C GLY A 67 -6.84 -0.21 4.72
N PHE A 68 -6.88 0.76 3.80
CA PHE A 68 -7.85 1.83 3.90
C PHE A 68 -9.20 1.32 3.38
N ASP A 69 -9.17 0.77 2.17
CA ASP A 69 -10.35 0.14 1.58
C ASP A 69 -10.15 -1.37 1.57
N LYS A 70 -10.38 -2.00 2.72
CA LYS A 70 -10.08 -3.41 2.88
C LYS A 70 -10.99 -4.28 2.01
N HIS A 71 -12.20 -3.80 1.74
CA HIS A 71 -13.22 -4.67 1.14
C HIS A 71 -13.68 -4.21 -0.25
N GLY A 72 -12.96 -3.27 -0.85
CA GLY A 72 -13.24 -2.80 -2.19
C GLY A 72 -14.52 -1.98 -2.32
N GLU A 73 -14.81 -1.16 -1.32
CA GLU A 73 -16.03 -0.37 -1.28
C GLU A 73 -15.92 1.07 -1.77
N ALA A 74 -14.69 1.58 -1.92
CA ALA A 74 -14.50 3.01 -2.18
C ALA A 74 -13.54 3.29 -3.33
N VAL A 75 -13.38 2.31 -4.22
CA VAL A 75 -12.37 2.40 -5.28
C VAL A 75 -12.54 3.65 -6.16
N ASP A 76 -13.74 3.88 -6.67
CA ASP A 76 -13.95 5.01 -7.55
C ASP A 76 -13.77 6.35 -6.82
N GLY A 77 -14.21 6.42 -5.58
CA GLY A 77 -13.98 7.61 -4.77
C GLY A 77 -12.51 7.90 -4.55
N LEU A 78 -11.72 6.85 -4.43
CA LEU A 78 -10.28 7.03 -4.25
C LEU A 78 -9.61 7.57 -5.51
N TYR A 79 -10.02 7.12 -6.70
CA TYR A 79 -9.51 7.76 -7.92
C TYR A 79 -9.93 9.22 -7.98
N LYS A 80 -11.15 9.52 -7.52
CA LYS A 80 -11.64 10.90 -7.51
C LYS A 80 -10.79 11.78 -6.60
N MET A 81 -10.23 11.18 -5.54
CA MET A 81 -9.36 11.89 -4.61
C MET A 81 -8.01 12.28 -5.25
N GLY A 82 -7.68 11.63 -6.37
CA GLY A 82 -6.48 11.95 -7.13
C GLY A 82 -5.38 10.90 -7.11
N PHE A 83 -5.63 9.76 -6.48
CA PHE A 83 -4.65 8.68 -6.47
C PHE A 83 -4.43 8.14 -7.88
N GLY A 84 -3.18 7.88 -8.24
CA GLY A 84 -2.84 7.31 -9.53
C GLY A 84 -3.13 5.83 -9.61
N PHE A 85 -3.28 5.18 -8.47
CA PHE A 85 -3.64 3.77 -8.44
C PHE A 85 -4.19 3.45 -7.06
N VAL A 86 -4.98 2.39 -7.00
CA VAL A 86 -5.67 2.01 -5.78
C VAL A 86 -5.35 0.57 -5.48
N GLU A 87 -5.05 0.29 -4.22
CA GLU A 87 -4.86 -1.08 -3.75
C GLU A 87 -5.90 -1.36 -2.66
N ILE A 88 -6.69 -2.40 -2.87
CA ILE A 88 -7.66 -2.83 -1.88
C ILE A 88 -7.16 -4.05 -1.14
N GLY A 89 -7.81 -4.37 -0.02
CA GLY A 89 -7.41 -5.47 0.84
C GLY A 89 -6.71 -5.00 2.10
N SER A 90 -6.13 -5.92 2.86
CA SER A 90 -6.06 -7.34 2.52
C SER A 90 -7.40 -8.07 2.57
N VAL A 91 -7.59 -8.98 1.61
CA VAL A 91 -8.78 -9.82 1.55
C VAL A 91 -8.42 -11.26 1.91
N THR A 92 -9.18 -11.86 2.81
CA THR A 92 -8.97 -13.25 3.23
C THR A 92 -9.97 -14.16 2.51
N PRO A 93 -9.65 -15.46 2.38
CA PRO A 93 -10.56 -16.34 1.64
C PRO A 93 -11.97 -16.36 2.20
N LYS A 94 -12.11 -16.65 3.49
CA LYS A 94 -13.41 -16.61 4.14
C LYS A 94 -13.55 -15.31 4.91
N PRO A 95 -14.79 -14.84 5.11
CA PRO A 95 -14.99 -13.68 5.97
C PRO A 95 -14.46 -13.93 7.37
N GLN A 96 -13.91 -12.90 8.00
CA GLN A 96 -13.53 -13.02 9.39
C GLN A 96 -13.55 -11.65 10.03
N GLU A 97 -13.76 -11.62 11.34
CA GLU A 97 -14.05 -10.37 12.04
C GLU A 97 -12.82 -9.57 12.46
N GLY A 98 -11.67 -10.24 12.54
CA GLY A 98 -10.46 -9.59 13.04
C GLY A 98 -10.43 -9.57 14.55
N ASN A 99 -9.52 -8.78 15.12
CA ASN A 99 -9.35 -8.72 16.57
C ASN A 99 -10.42 -7.92 17.31
N PRO A 100 -10.60 -8.19 18.62
CA PRO A 100 -11.56 -7.40 19.38
C PRO A 100 -11.19 -5.92 19.46
N ARG A 101 -12.18 -5.06 19.64
CA ARG A 101 -11.94 -3.63 19.78
C ARG A 101 -11.60 -3.27 21.22
N PRO A 102 -10.81 -2.21 21.44
CA PRO A 102 -10.21 -1.32 20.44
C PRO A 102 -8.99 -1.93 19.78
N ARG A 103 -8.76 -1.59 18.51
CA ARG A 103 -7.70 -2.22 17.74
C ARG A 103 -6.99 -1.23 16.82
N VAL A 104 -7.29 0.05 16.98
CA VAL A 104 -6.64 1.13 16.22
C VAL A 104 -6.42 2.30 17.14
N PHE A 105 -5.25 2.93 17.05
CA PHE A 105 -4.85 3.95 18.02
C PHE A 105 -4.09 5.07 17.34
N ARG A 106 -4.44 6.31 17.65
CA ARG A 106 -3.73 7.48 17.12
C ARG A 106 -2.61 7.92 18.05
N LEU A 107 -1.47 8.32 17.46
CA LEU A 107 -0.34 8.90 18.17
C LEU A 107 -0.09 10.28 17.56
N PRO A 108 -0.93 11.26 17.92
CA PRO A 108 -0.89 12.53 17.20
C PRO A 108 0.46 13.26 17.36
N GLU A 109 1.08 13.13 18.53
CA GLU A 109 2.38 13.77 18.78
C GLU A 109 3.48 13.23 17.87
N ASP A 110 3.23 12.07 17.28
CA ASP A 110 4.22 11.38 16.45
C ASP A 110 3.80 11.33 14.97
N GLN A 111 2.61 11.85 14.67
CA GLN A 111 1.95 11.66 13.37
C GLN A 111 2.00 10.20 12.96
N ALA A 112 1.55 9.36 13.88
CA ALA A 112 1.59 7.91 13.71
C ALA A 112 0.28 7.28 14.12
N VAL A 113 0.11 6.05 13.69
CA VAL A 113 -1.00 5.19 14.09
C VAL A 113 -0.44 3.84 14.46
N ILE A 114 -1.10 3.17 15.41
CA ILE A 114 -0.82 1.77 15.70
C ILE A 114 -2.12 1.01 15.48
N ASN A 115 -2.05 -0.07 14.71
CA ASN A 115 -3.23 -0.89 14.48
C ASN A 115 -2.96 -2.38 14.67
N ARG A 116 -4.00 -3.07 15.16
CA ARG A 116 -4.00 -4.52 15.26
C ARG A 116 -5.36 -5.05 14.79
N TYR A 117 -5.78 -4.62 13.60
CA TYR A 117 -7.07 -5.05 13.05
C TYR A 117 -7.20 -6.58 12.96
N GLY A 118 -6.13 -7.23 12.51
CA GLY A 118 -6.13 -8.68 12.40
C GLY A 118 -6.86 -9.22 11.18
N PHE A 119 -6.71 -8.53 10.06
CA PHE A 119 -7.30 -8.98 8.79
C PHE A 119 -8.82 -9.14 8.91
N ASN A 120 -9.51 -8.13 9.43
CA ASN A 120 -10.96 -8.07 9.30
C ASN A 120 -11.27 -8.01 7.80
N SER A 121 -12.10 -8.93 7.33
CA SER A 121 -12.34 -9.04 5.90
C SER A 121 -13.73 -9.59 5.58
N HIS A 122 -14.38 -8.97 4.59
CA HIS A 122 -15.63 -9.47 4.06
C HIS A 122 -15.45 -10.78 3.28
N GLY A 123 -14.20 -11.13 2.97
CA GLY A 123 -13.91 -12.37 2.29
C GLY A 123 -13.92 -12.28 0.77
N LEU A 124 -13.33 -13.29 0.12
CA LEU A 124 -13.13 -13.24 -1.33
C LEU A 124 -14.42 -13.13 -2.14
N SER A 125 -15.44 -13.88 -1.76
N SER A 125 -15.43 -13.90 -1.76
CA SER A 125 -16.67 -13.91 -2.55
CA SER A 125 -16.69 -13.94 -2.52
C SER A 125 -17.37 -12.57 -2.59
C SER A 125 -17.37 -12.57 -2.58
N VAL A 126 -17.48 -11.91 -1.43
CA VAL A 126 -18.09 -10.59 -1.38
C VAL A 126 -17.28 -9.58 -2.20
N VAL A 127 -15.96 -9.59 -2.05
CA VAL A 127 -15.13 -8.66 -2.78
C VAL A 127 -15.16 -8.97 -4.28
N GLU A 128 -15.19 -10.24 -4.64
CA GLU A 128 -15.29 -10.67 -6.04
C GLU A 128 -16.52 -10.03 -6.69
N HIS A 129 -17.66 -10.13 -6.03
CA HIS A 129 -18.87 -9.61 -6.63
C HIS A 129 -18.85 -8.08 -6.68
N ARG A 130 -18.26 -7.46 -5.68
CA ARG A 130 -18.13 -6.00 -5.67
C ARG A 130 -17.27 -5.50 -6.84
N LEU A 131 -16.15 -6.17 -7.11
CA LEU A 131 -15.31 -5.79 -8.23
C LEU A 131 -15.94 -6.16 -9.58
N ARG A 132 -16.67 -7.27 -9.64
CA ARG A 132 -17.32 -7.65 -10.89
C ARG A 132 -18.34 -6.60 -11.32
N ALA A 133 -18.95 -5.94 -10.34
CA ALA A 133 -20.01 -4.96 -10.64
C ALA A 133 -19.47 -3.72 -11.36
N ARG A 134 -18.15 -3.54 -11.31
CA ARG A 134 -17.50 -2.39 -11.95
C ARG A 134 -16.28 -2.83 -12.78
N GLN A 135 -16.28 -4.09 -13.22
CA GLN A 135 -15.10 -4.66 -13.89
C GLN A 135 -14.76 -3.93 -15.20
N GLN A 136 -15.77 -3.59 -16.01
CA GLN A 136 -15.48 -2.91 -17.27
C GLN A 136 -15.14 -1.45 -17.08
N LYS A 137 -15.75 -0.81 -16.09
CA LYS A 137 -15.36 0.53 -15.70
C LYS A 137 -13.89 0.54 -15.31
N GLN A 138 -13.47 -0.46 -14.54
CA GLN A 138 -12.05 -0.54 -14.15
C GLN A 138 -11.15 -0.78 -15.35
N ALA A 139 -11.58 -1.60 -16.31
CA ALA A 139 -10.80 -1.82 -17.51
C ALA A 139 -10.50 -0.50 -18.22
N LYS A 140 -11.50 0.38 -18.27
CA LYS A 140 -11.29 1.68 -18.91
C LYS A 140 -10.38 2.58 -18.08
N LEU A 141 -10.57 2.55 -16.76
CA LEU A 141 -9.70 3.31 -15.86
C LEU A 141 -8.24 2.89 -16.03
N THR A 142 -8.02 1.59 -16.04
CA THR A 142 -6.68 1.04 -16.19
C THR A 142 -6.07 1.47 -17.51
N GLU A 143 -6.85 1.37 -18.58
CA GLU A 143 -6.39 1.84 -19.89
C GLU A 143 -6.05 3.33 -19.87
N ASP A 144 -6.74 4.09 -19.03
CA ASP A 144 -6.52 5.54 -18.91
C ASP A 144 -5.43 5.88 -17.88
N GLY A 145 -4.74 4.85 -17.37
CA GLY A 145 -3.60 5.07 -16.50
C GLY A 145 -3.92 5.07 -15.01
N LEU A 146 -5.02 4.41 -14.63
CA LEU A 146 -5.42 4.30 -13.22
C LEU A 146 -5.63 2.85 -12.80
N PRO A 147 -4.53 2.12 -12.55
CA PRO A 147 -4.63 0.68 -12.27
C PRO A 147 -5.13 0.35 -10.88
N LEU A 148 -5.56 -0.90 -10.75
CA LEU A 148 -6.09 -1.46 -9.51
C LEU A 148 -5.25 -2.65 -9.02
N GLY A 149 -4.88 -2.58 -7.74
CA GLY A 149 -4.20 -3.68 -7.08
C GLY A 149 -5.08 -4.35 -6.03
N VAL A 150 -4.88 -5.64 -5.84
CA VAL A 150 -5.60 -6.40 -4.84
C VAL A 150 -4.61 -7.11 -3.93
N ASN A 151 -4.72 -6.84 -2.65
CA ASN A 151 -3.83 -7.39 -1.63
C ASN A 151 -4.48 -8.60 -0.95
N LEU A 152 -3.80 -9.74 -0.99
CA LEU A 152 -4.34 -11.01 -0.52
C LEU A 152 -3.81 -11.39 0.84
N GLY A 153 -4.69 -11.78 1.74
CA GLY A 153 -4.31 -12.27 3.04
C GLY A 153 -4.70 -13.71 3.28
N LYS A 154 -4.56 -14.12 4.55
N LYS A 154 -4.51 -14.18 4.51
CA LYS A 154 -4.75 -15.49 5.00
CA LYS A 154 -4.90 -15.53 4.87
C LYS A 154 -5.73 -15.49 6.18
C LYS A 154 -5.71 -15.53 6.14
N ASN A 155 -6.60 -16.50 6.26
CA ASN A 155 -7.48 -16.59 7.41
C ASN A 155 -6.69 -16.98 8.66
N LYS A 156 -7.18 -16.54 9.81
CA LYS A 156 -6.56 -16.82 11.09
C LYS A 156 -6.41 -18.32 11.36
N THR A 157 -7.44 -19.08 11.02
CA THR A 157 -7.46 -20.52 11.34
C THR A 157 -6.88 -21.38 10.22
N SER A 158 -6.36 -20.74 9.17
CA SER A 158 -5.88 -21.47 8.01
C SER A 158 -4.74 -22.42 8.36
N VAL A 159 -4.86 -23.65 7.87
CA VAL A 159 -3.87 -24.69 8.11
C VAL A 159 -2.73 -24.59 7.09
N ASP A 160 -3.07 -24.17 5.87
CA ASP A 160 -2.12 -24.10 4.77
C ASP A 160 -2.17 -22.73 4.11
N ALA A 161 -1.21 -21.88 4.46
CA ALA A 161 -1.17 -20.50 3.98
C ALA A 161 -1.13 -20.41 2.46
N ALA A 162 -0.34 -21.28 1.85
CA ALA A 162 -0.19 -21.23 0.40
C ALA A 162 -1.52 -21.46 -0.30
N GLU A 163 -2.37 -22.32 0.26
CA GLU A 163 -3.67 -22.56 -0.35
C GLU A 163 -4.58 -21.34 -0.20
N ASP A 164 -4.50 -20.64 0.93
CA ASP A 164 -5.24 -19.39 1.07
C ASP A 164 -4.84 -18.39 0.00
N TYR A 165 -3.54 -18.20 -0.24
CA TYR A 165 -3.10 -17.24 -1.24
C TYR A 165 -3.48 -17.72 -2.64
N ALA A 166 -3.39 -19.02 -2.86
CA ALA A 166 -3.73 -19.59 -4.16
C ALA A 166 -5.20 -19.32 -4.47
N GLU A 167 -6.05 -19.48 -3.47
CA GLU A 167 -7.49 -19.24 -3.64
C GLU A 167 -7.73 -17.77 -4.01
N GLY A 168 -7.02 -16.86 -3.34
CA GLY A 168 -7.09 -15.45 -3.69
C GLY A 168 -6.67 -15.13 -5.11
N VAL A 169 -5.60 -15.76 -5.59
CA VAL A 169 -5.15 -15.59 -6.96
C VAL A 169 -6.25 -16.02 -7.92
N ARG A 170 -6.83 -17.18 -7.67
CA ARG A 170 -7.87 -17.69 -8.54
C ARG A 170 -9.12 -16.82 -8.59
N VAL A 171 -9.52 -16.28 -7.44
CA VAL A 171 -10.80 -15.58 -7.33
C VAL A 171 -10.66 -14.10 -7.72
N LEU A 172 -9.64 -13.43 -7.20
CA LEU A 172 -9.48 -12.00 -7.49
C LEU A 172 -8.40 -11.66 -8.51
N GLY A 173 -7.48 -12.58 -8.79
CA GLY A 173 -6.50 -12.35 -9.84
C GLY A 173 -7.08 -11.86 -11.15
N PRO A 174 -8.20 -12.46 -11.60
CA PRO A 174 -8.80 -12.04 -12.88
C PRO A 174 -9.38 -10.64 -12.86
N LEU A 175 -9.48 -10.02 -11.69
CA LEU A 175 -10.06 -8.69 -11.55
C LEU A 175 -9.04 -7.61 -11.20
N ALA A 176 -7.77 -7.99 -11.16
CA ALA A 176 -6.70 -7.12 -10.65
C ALA A 176 -5.64 -6.86 -11.70
N ASP A 177 -5.09 -5.65 -11.69
CA ASP A 177 -3.92 -5.36 -12.51
C ASP A 177 -2.67 -5.90 -11.84
N TYR A 178 -2.66 -5.88 -10.51
CA TYR A 178 -1.60 -6.55 -9.77
C TYR A 178 -2.14 -7.13 -8.48
N LEU A 179 -1.51 -8.21 -8.03
CA LEU A 179 -1.82 -8.88 -6.79
C LEU A 179 -0.65 -8.71 -5.82
N VAL A 180 -0.97 -8.63 -4.54
CA VAL A 180 0.05 -8.54 -3.51
C VAL A 180 -0.07 -9.68 -2.56
N VAL A 181 1.05 -10.38 -2.39
CA VAL A 181 1.16 -11.44 -1.41
C VAL A 181 1.74 -10.78 -0.19
N ASN A 182 0.83 -10.59 0.75
CA ASN A 182 1.11 -9.94 1.99
C ASN A 182 1.54 -10.97 2.99
N VAL A 183 2.86 -11.12 3.12
CA VAL A 183 3.43 -11.99 4.12
C VAL A 183 4.05 -11.20 5.26
N SER A 184 3.55 -9.97 5.50
CA SER A 184 4.21 -9.06 6.44
C SER A 184 3.28 -8.36 7.42
N SER A 185 2.00 -8.76 7.50
CA SER A 185 1.17 -8.22 8.57
C SER A 185 1.71 -8.63 9.93
N PRO A 186 1.84 -7.68 10.88
CA PRO A 186 2.32 -8.07 12.20
C PRO A 186 1.22 -8.61 13.12
N ASN A 187 0.01 -8.76 12.60
CA ASN A 187 -1.18 -9.04 13.42
C ASN A 187 -1.85 -10.37 13.14
N THR A 188 -1.15 -11.26 12.45
CA THR A 188 -1.61 -12.62 12.25
C THR A 188 -0.48 -13.56 12.62
N ALA A 189 -0.73 -14.41 13.62
CA ALA A 189 0.30 -15.29 14.17
C ALA A 189 0.90 -16.19 13.09
N GLY A 190 2.23 -16.15 12.99
CA GLY A 190 2.95 -17.01 12.08
C GLY A 190 3.12 -16.44 10.68
N LEU A 191 2.36 -15.40 10.35
CA LEU A 191 2.36 -14.87 8.98
C LEU A 191 3.74 -14.46 8.48
N ARG A 192 4.44 -13.66 9.28
CA ARG A 192 5.70 -13.06 8.83
C ARG A 192 6.82 -14.08 8.66
N SER A 193 6.69 -15.25 9.28
CA SER A 193 7.67 -16.31 9.10
C SER A 193 7.56 -16.91 7.69
N LEU A 194 6.49 -16.55 6.97
CA LEU A 194 6.35 -16.91 5.56
C LEU A 194 7.37 -16.16 4.71
N GLN A 195 8.10 -15.23 5.34
CA GLN A 195 9.14 -14.48 4.65
C GLN A 195 10.48 -15.23 4.62
N GLY A 196 10.61 -16.30 5.41
CA GLY A 196 11.82 -17.11 5.38
C GLY A 196 12.00 -17.81 4.04
N LYS A 197 13.22 -18.22 3.72
CA LYS A 197 13.54 -18.61 2.34
C LYS A 197 12.84 -19.86 1.83
N ALA A 198 12.94 -20.97 2.56
CA ALA A 198 12.32 -22.22 2.13
C ALA A 198 10.81 -22.07 2.01
N GLU A 199 10.19 -21.58 3.09
CA GLU A 199 8.77 -21.25 3.11
C GLU A 199 8.38 -20.39 1.92
N LEU A 200 9.12 -19.31 1.73
CA LEU A 200 8.78 -18.30 0.75
C LEU A 200 8.88 -18.84 -0.67
N ARG A 201 9.92 -19.61 -0.98
CA ARG A 201 10.08 -20.14 -2.32
C ARG A 201 8.89 -21.05 -2.67
N ARG A 202 8.53 -21.92 -1.74
CA ARG A 202 7.40 -22.83 -1.92
C ARG A 202 6.10 -22.06 -2.12
N LEU A 203 5.86 -21.09 -1.25
CA LEU A 203 4.66 -20.27 -1.30
C LEU A 203 4.55 -19.51 -2.61
N LEU A 204 5.63 -18.82 -2.99
CA LEU A 204 5.59 -17.96 -4.18
C LEU A 204 5.55 -18.79 -5.46
N THR A 205 6.18 -19.97 -5.43
CA THR A 205 6.09 -20.86 -6.59
C THR A 205 4.63 -21.23 -6.86
N LYS A 206 3.90 -21.59 -5.81
CA LYS A 206 2.49 -21.96 -5.95
C LYS A 206 1.65 -20.77 -6.43
N VAL A 207 1.88 -19.60 -5.84
CA VAL A 207 1.18 -18.39 -6.25
C VAL A 207 1.40 -18.09 -7.73
N LEU A 208 2.65 -18.18 -8.19
CA LEU A 208 2.95 -17.84 -9.56
C LEU A 208 2.38 -18.89 -10.53
N GLN A 209 2.39 -20.15 -10.12
CA GLN A 209 1.76 -21.20 -10.92
C GLN A 209 0.28 -20.89 -11.15
N GLU A 210 -0.41 -20.52 -10.08
CA GLU A 210 -1.84 -20.22 -10.16
C GLU A 210 -2.08 -19.00 -11.05
N ARG A 211 -1.23 -17.98 -10.90
CA ARG A 211 -1.33 -16.78 -11.72
C ARG A 211 -1.13 -17.09 -13.19
N ASP A 212 -0.13 -17.91 -13.48
CA ASP A 212 0.20 -18.23 -14.85
C ASP A 212 -0.92 -19.03 -15.54
N GLY A 213 -1.76 -19.68 -14.72
CA GLY A 213 -2.89 -20.45 -15.20
C GLY A 213 -4.11 -19.63 -15.58
N LEU A 214 -4.07 -18.32 -15.33
CA LEU A 214 -5.16 -17.44 -15.73
C LEU A 214 -5.03 -17.01 -17.19
N ARG A 215 -6.18 -16.79 -17.84
CA ARG A 215 -6.19 -16.31 -19.21
C ARG A 215 -5.46 -14.97 -19.32
N ARG A 216 -4.82 -14.77 -20.47
CA ARG A 216 -3.89 -13.66 -20.67
C ARG A 216 -4.42 -12.29 -20.25
N VAL A 217 -5.64 -11.93 -20.66
CA VAL A 217 -6.14 -10.59 -20.33
C VAL A 217 -6.58 -10.49 -18.86
N HIS A 218 -6.53 -11.62 -18.13
CA HIS A 218 -6.89 -11.68 -16.73
C HIS A 218 -5.71 -12.07 -15.87
N ARG A 219 -4.50 -11.86 -16.38
CA ARG A 219 -3.29 -12.33 -15.72
C ARG A 219 -2.55 -11.16 -15.06
N PRO A 220 -2.64 -11.03 -13.73
CA PRO A 220 -2.03 -9.89 -13.05
C PRO A 220 -0.54 -10.04 -12.77
N ALA A 221 0.14 -8.91 -12.58
CA ALA A 221 1.46 -8.92 -11.97
C ALA A 221 1.34 -9.39 -10.53
N VAL A 222 2.40 -10.00 -9.99
CA VAL A 222 2.42 -10.47 -8.61
C VAL A 222 3.57 -9.81 -7.87
N LEU A 223 3.23 -9.14 -6.77
CA LEU A 223 4.20 -8.47 -5.91
C LEU A 223 4.19 -9.09 -4.50
N VAL A 224 5.31 -8.95 -3.80
CA VAL A 224 5.43 -9.40 -2.42
C VAL A 224 5.60 -8.16 -1.55
N LYS A 225 4.80 -8.09 -0.49
CA LYS A 225 4.89 -6.98 0.45
C LYS A 225 5.60 -7.44 1.70
N ILE A 226 6.62 -6.70 2.07
CA ILE A 226 7.49 -7.09 3.15
C ILE A 226 7.47 -6.11 4.29
N ALA A 227 7.91 -6.61 5.43
CA ALA A 227 8.00 -5.84 6.65
C ALA A 227 9.27 -5.00 6.67
N PRO A 228 9.28 -3.96 7.51
CA PRO A 228 10.47 -3.17 7.74
C PRO A 228 11.40 -3.82 8.77
N ASP A 229 10.96 -4.93 9.35
CA ASP A 229 11.62 -5.51 10.53
C ASP A 229 12.49 -6.74 10.23
N LEU A 230 12.84 -6.90 8.97
CA LEU A 230 13.61 -8.03 8.51
C LEU A 230 15.07 -7.93 8.88
N THR A 231 15.70 -9.06 9.18
CA THR A 231 17.14 -9.09 9.33
C THR A 231 17.80 -8.93 7.96
N SER A 232 19.09 -8.62 7.96
CA SER A 232 19.85 -8.54 6.71
C SER A 232 19.77 -9.88 5.95
N GLN A 233 19.82 -10.97 6.69
CA GLN A 233 19.69 -12.31 6.12
C GLN A 233 18.35 -12.50 5.43
N ASP A 234 17.29 -12.06 6.09
CA ASP A 234 15.93 -12.14 5.55
C ASP A 234 15.83 -11.40 4.21
N LYS A 235 16.40 -10.19 4.17
CA LYS A 235 16.35 -9.37 2.97
C LYS A 235 17.12 -10.00 1.81
N GLU A 236 18.31 -10.54 2.11
CA GLU A 236 19.09 -11.26 1.11
C GLU A 236 18.31 -12.43 0.52
N ASP A 237 17.68 -13.19 1.40
CA ASP A 237 16.92 -14.37 0.99
C ASP A 237 15.71 -13.99 0.13
N ILE A 238 14.98 -12.95 0.54
CA ILE A 238 13.85 -12.49 -0.25
C ILE A 238 14.29 -12.01 -1.63
N ALA A 239 15.37 -11.23 -1.68
CA ALA A 239 15.87 -10.76 -2.96
C ALA A 239 16.23 -11.93 -3.87
N SER A 240 16.89 -12.93 -3.31
CA SER A 240 17.28 -14.11 -4.07
C SER A 240 16.08 -14.87 -4.64
N VAL A 241 15.07 -15.09 -3.81
CA VAL A 241 13.88 -15.83 -4.23
C VAL A 241 13.09 -15.05 -5.29
N VAL A 242 12.96 -13.75 -5.07
CA VAL A 242 12.26 -12.88 -6.00
C VAL A 242 12.89 -12.93 -7.39
N LYS A 243 14.21 -12.89 -7.45
CA LYS A 243 14.89 -12.93 -8.74
C LYS A 243 14.82 -14.32 -9.36
N GLU A 244 14.95 -15.35 -8.54
CA GLU A 244 14.92 -16.73 -8.99
C GLU A 244 13.58 -17.08 -9.65
N LEU A 245 12.49 -16.59 -9.08
CA LEU A 245 11.15 -16.99 -9.50
C LEU A 245 10.52 -16.03 -10.50
N GLY A 246 11.11 -14.85 -10.66
CA GLY A 246 10.56 -13.86 -11.57
C GLY A 246 9.36 -13.13 -10.99
N ILE A 247 9.34 -12.96 -9.67
CA ILE A 247 8.34 -12.10 -9.03
C ILE A 247 8.39 -10.71 -9.68
N ASP A 248 7.21 -10.11 -9.90
CA ASP A 248 7.12 -8.89 -10.68
C ASP A 248 7.50 -7.62 -9.93
N GLY A 249 7.39 -7.65 -8.61
CA GLY A 249 7.74 -6.47 -7.84
C GLY A 249 7.64 -6.67 -6.34
N LEU A 250 8.04 -5.63 -5.61
CA LEU A 250 8.00 -5.61 -4.16
C LEU A 250 7.24 -4.39 -3.66
N ILE A 251 6.51 -4.54 -2.55
CA ILE A 251 5.95 -3.41 -1.84
C ILE A 251 6.70 -3.32 -0.52
N VAL A 252 7.24 -2.13 -0.27
CA VAL A 252 8.25 -1.91 0.76
C VAL A 252 7.89 -0.57 1.43
N THR A 253 7.25 -0.53 2.61
CA THR A 253 7.02 -1.63 3.54
C THR A 253 5.65 -1.60 4.19
N ASN A 254 5.33 -2.70 4.86
CA ASN A 254 4.22 -2.77 5.81
C ASN A 254 4.60 -1.99 7.08
N THR A 255 3.72 -2.06 8.08
CA THR A 255 3.96 -1.41 9.37
C THR A 255 5.05 -2.13 10.17
N THR A 256 5.59 -1.44 11.19
CA THR A 256 6.67 -1.99 12.00
C THR A 256 6.20 -2.39 13.40
N VAL A 257 6.72 -3.52 13.89
CA VAL A 257 6.47 -3.93 15.26
C VAL A 257 7.54 -3.36 16.19
N SER A 258 8.48 -2.63 15.62
CA SER A 258 9.45 -1.90 16.42
C SER A 258 8.80 -0.64 16.99
N ARG A 259 9.42 -0.09 18.01
CA ARG A 259 9.00 1.18 18.57
C ARG A 259 10.22 2.07 18.64
N PRO A 260 10.44 2.85 17.57
CA PRO A 260 11.63 3.71 17.54
C PRO A 260 11.75 4.58 18.77
N ALA A 261 12.97 4.82 19.22
CA ALA A 261 13.19 5.72 20.35
C ALA A 261 12.56 7.05 20.04
N GLY A 262 12.01 7.69 21.07
CA GLY A 262 11.50 9.04 20.93
C GLY A 262 10.00 9.19 20.72
N LEU A 263 9.26 8.10 20.54
CA LEU A 263 7.80 8.21 20.43
C LEU A 263 7.23 8.89 21.67
N GLN A 264 6.30 9.80 21.45
CA GLN A 264 5.71 10.59 22.54
C GLN A 264 4.26 10.21 22.85
N GLY A 265 3.55 9.64 21.88
CA GLY A 265 2.15 9.31 22.06
C GLY A 265 1.91 8.46 23.30
N ALA A 266 0.83 8.75 24.01
CA ALA A 266 0.50 8.00 25.21
C ALA A 266 0.29 6.52 24.88
N LEU A 267 -0.14 6.24 23.66
CA LEU A 267 -0.50 4.87 23.27
C LEU A 267 0.63 4.12 22.55
N ARG A 268 1.87 4.60 22.70
CA ARG A 268 3.02 4.02 21.99
C ARG A 268 3.29 2.55 22.31
N SER A 269 2.87 2.07 23.48
CA SER A 269 3.14 0.69 23.87
C SER A 269 1.96 -0.27 23.64
N GLU A 270 0.94 0.18 22.91
CA GLU A 270 -0.09 -0.72 22.39
C GLU A 270 0.54 -1.71 21.41
N THR A 271 0.06 -2.95 21.44
CA THR A 271 0.43 -3.97 20.48
C THR A 271 -0.10 -3.63 19.09
N GLY A 272 0.73 -3.85 18.08
CA GLY A 272 0.29 -3.69 16.71
C GLY A 272 1.39 -3.15 15.82
N GLY A 273 1.02 -2.89 14.57
CA GLY A 273 1.92 -2.27 13.62
C GLY A 273 1.84 -0.76 13.67
N LEU A 274 3.02 -0.13 13.72
CA LEU A 274 3.18 1.31 13.70
C LEU A 274 3.38 1.83 12.28
N SER A 275 2.64 2.88 11.95
CA SER A 275 2.68 3.53 10.64
C SER A 275 2.91 5.02 10.80
N GLY A 276 3.07 5.73 9.68
CA GLY A 276 3.24 7.16 9.74
C GLY A 276 4.69 7.59 9.86
N LYS A 277 4.90 8.78 10.39
CA LYS A 277 6.22 9.39 10.31
C LYS A 277 7.35 8.59 10.96
N PRO A 278 7.10 7.90 12.09
CA PRO A 278 8.21 7.15 12.70
C PRO A 278 8.67 5.95 11.85
N LEU A 279 7.87 5.57 10.87
CA LEU A 279 8.20 4.50 9.94
C LEU A 279 8.97 5.00 8.71
N ARG A 280 8.90 6.30 8.45
CA ARG A 280 9.31 6.83 7.15
C ARG A 280 10.71 6.42 6.71
N ASP A 281 11.71 6.73 7.52
CA ASP A 281 13.06 6.49 7.05
C ASP A 281 13.46 5.00 7.17
N LEU A 282 12.86 4.26 8.10
N LEU A 282 12.86 4.26 8.10
CA LEU A 282 13.05 2.81 8.16
CA LEU A 282 13.01 2.81 8.13
C LEU A 282 12.56 2.16 6.87
C LEU A 282 12.59 2.20 6.79
N SER A 283 11.43 2.65 6.35
N SER A 283 11.45 2.63 6.28
N SER A 283 11.50 2.60 6.31
CA SER A 283 10.92 2.19 5.07
CA SER A 283 10.94 2.11 5.02
CA SER A 283 10.96 2.13 5.05
C SER A 283 11.84 2.56 3.91
C SER A 283 11.82 2.56 3.85
C SER A 283 11.84 2.56 3.87
N THR A 284 12.25 3.82 3.87
CA THR A 284 13.11 4.32 2.80
C THR A 284 14.41 3.52 2.74
N GLN A 285 14.97 3.21 3.91
CA GLN A 285 16.20 2.41 3.92
C GLN A 285 15.98 0.98 3.45
N THR A 286 14.78 0.44 3.71
CA THR A 286 14.48 -0.90 3.25
C THR A 286 14.33 -0.91 1.72
N ILE A 287 13.75 0.15 1.17
CA ILE A 287 13.68 0.33 -0.28
C ILE A 287 15.07 0.36 -0.88
N ARG A 288 15.93 1.16 -0.25
CA ARG A 288 17.30 1.34 -0.71
C ARG A 288 18.03 0.01 -0.78
N GLU A 289 17.90 -0.78 0.27
CA GLU A 289 18.54 -2.08 0.35
C GLU A 289 17.99 -3.08 -0.66
N MET A 290 16.67 -3.18 -0.79
CA MET A 290 16.06 -4.13 -1.71
C MET A 290 16.35 -3.77 -3.18
N TYR A 291 16.41 -2.48 -3.48
CA TYR A 291 16.76 -2.05 -4.83
C TYR A 291 18.17 -2.51 -5.18
N ALA A 292 19.11 -2.29 -4.27
CA ALA A 292 20.49 -2.72 -4.51
C ALA A 292 20.60 -4.26 -4.62
N LEU A 293 19.93 -4.99 -3.74
CA LEU A 293 19.99 -6.45 -3.73
C LEU A 293 19.37 -7.06 -4.99
N THR A 294 18.45 -6.34 -5.63
CA THR A 294 17.84 -6.80 -6.88
C THR A 294 18.38 -6.08 -8.12
N GLN A 295 19.48 -5.36 -7.96
CA GLN A 295 20.15 -4.67 -9.05
C GLN A 295 19.25 -3.72 -9.81
N GLY A 296 18.25 -3.18 -9.13
CA GLY A 296 17.37 -2.20 -9.73
C GLY A 296 16.45 -2.76 -10.80
N ARG A 297 16.40 -4.08 -10.89
CA ARG A 297 15.64 -4.76 -11.95
C ARG A 297 14.24 -5.21 -11.51
N VAL A 298 13.91 -5.01 -10.23
CA VAL A 298 12.63 -5.44 -9.67
C VAL A 298 11.89 -4.18 -9.20
N PRO A 299 10.77 -3.82 -9.85
CA PRO A 299 9.99 -2.65 -9.46
C PRO A 299 9.62 -2.65 -7.99
N ILE A 300 9.74 -1.49 -7.34
CA ILE A 300 9.40 -1.35 -5.94
C ILE A 300 8.33 -0.29 -5.79
N ILE A 301 7.30 -0.62 -5.02
CA ILE A 301 6.32 0.36 -4.58
C ILE A 301 6.71 0.73 -3.15
N GLY A 302 7.04 1.99 -2.93
CA GLY A 302 7.54 2.45 -1.65
C GLY A 302 6.44 3.03 -0.79
N VAL A 303 6.41 2.66 0.48
CA VAL A 303 5.33 3.07 1.34
C VAL A 303 5.80 3.08 2.79
N GLY A 304 5.35 4.10 3.52
CA GLY A 304 5.66 4.28 4.92
C GLY A 304 6.01 5.73 5.22
N GLY A 305 5.11 6.42 5.89
CA GLY A 305 5.34 7.77 6.38
C GLY A 305 5.41 8.87 5.33
N VAL A 306 4.85 8.66 4.13
CA VAL A 306 4.84 9.70 3.11
C VAL A 306 3.71 10.72 3.33
N SER A 307 4.05 11.99 3.50
CA SER A 307 3.04 13.04 3.52
C SER A 307 3.44 14.32 2.79
N SER A 308 4.54 14.27 2.04
CA SER A 308 5.01 15.42 1.28
C SER A 308 5.71 14.98 0.00
N GLY A 309 5.92 15.93 -0.90
CA GLY A 309 6.67 15.66 -2.10
C GLY A 309 8.08 15.22 -1.78
N GLN A 310 8.69 15.81 -0.75
CA GLN A 310 10.04 15.39 -0.36
C GLN A 310 10.06 13.92 0.08
N ASP A 311 9.09 13.52 0.88
CA ASP A 311 9.01 12.15 1.35
C ASP A 311 8.89 11.20 0.15
N ALA A 312 8.05 11.55 -0.81
CA ALA A 312 7.85 10.73 -2.00
C ALA A 312 9.14 10.63 -2.83
N LEU A 313 9.78 11.77 -3.07
CA LEU A 313 10.99 11.78 -3.88
C LEU A 313 12.15 11.05 -3.20
N GLU A 314 12.24 11.10 -1.89
CA GLU A 314 13.27 10.32 -1.21
C GLU A 314 13.09 8.83 -1.48
N LYS A 315 11.86 8.36 -1.48
CA LYS A 315 11.62 6.94 -1.74
C LYS A 315 11.87 6.60 -3.20
N ILE A 316 11.49 7.49 -4.10
CA ILE A 316 11.74 7.28 -5.52
C ILE A 316 13.24 7.24 -5.81
N ARG A 317 13.99 8.21 -5.29
CA ARG A 317 15.43 8.22 -5.48
C ARG A 317 16.12 7.02 -4.83
N ALA A 318 15.53 6.49 -3.77
CA ALA A 318 16.06 5.29 -3.10
C ALA A 318 15.80 4.01 -3.92
N GLY A 319 14.88 4.07 -4.87
CA GLY A 319 14.58 2.93 -5.71
C GLY A 319 13.12 2.64 -6.02
N ALA A 320 12.20 3.40 -5.44
CA ALA A 320 10.77 3.15 -5.69
C ALA A 320 10.32 3.70 -7.05
N SER A 321 9.58 2.90 -7.82
CA SER A 321 8.95 3.38 -9.04
C SER A 321 7.61 4.06 -8.78
N LEU A 322 6.97 3.69 -7.68
CA LEU A 322 5.68 4.22 -7.27
C LEU A 322 5.72 4.35 -5.76
N VAL A 323 4.85 5.18 -5.20
CA VAL A 323 4.73 5.27 -3.76
C VAL A 323 3.26 5.15 -3.35
N GLN A 324 3.03 4.81 -2.10
CA GLN A 324 1.70 4.80 -1.51
C GLN A 324 1.71 5.54 -0.18
N LEU A 325 0.52 5.95 0.24
CA LEU A 325 0.35 6.54 1.55
C LEU A 325 -0.99 6.10 2.13
N TYR A 326 -1.10 6.17 3.44
CA TYR A 326 -2.33 5.88 4.15
C TYR A 326 -2.41 6.81 5.36
N THR A 327 -1.49 6.67 6.30
CA THR A 327 -1.61 7.35 7.59
C THR A 327 -1.68 8.88 7.43
N ALA A 328 -1.01 9.44 6.42
CA ALA A 328 -1.10 10.89 6.20
C ALA A 328 -2.56 11.36 6.03
N LEU A 329 -3.42 10.53 5.46
CA LEU A 329 -4.85 10.86 5.34
C LEU A 329 -5.52 11.12 6.68
N THR A 330 -5.11 10.38 7.70
CA THR A 330 -5.57 10.56 9.08
C THR A 330 -5.39 11.97 9.59
N PHE A 331 -4.26 12.54 9.24
CA PHE A 331 -3.82 13.78 9.84
C PHE A 331 -4.02 14.97 8.91
N TRP A 332 -4.00 14.74 7.60
CA TRP A 332 -4.11 15.82 6.63
C TRP A 332 -5.43 15.78 5.86
N GLY A 333 -6.07 14.62 5.82
CA GLY A 333 -7.27 14.43 5.02
C GLY A 333 -6.97 14.37 3.53
N PRO A 334 -8.02 14.28 2.70
CA PRO A 334 -7.91 14.14 1.24
C PRO A 334 -7.01 15.14 0.52
N PRO A 335 -6.92 16.39 1.01
CA PRO A 335 -6.04 17.33 0.30
C PRO A 335 -4.57 16.91 0.26
N VAL A 336 -4.17 15.95 1.09
CA VAL A 336 -2.77 15.54 1.11
C VAL A 336 -2.34 14.93 -0.22
N VAL A 337 -3.27 14.35 -0.97
CA VAL A 337 -2.92 13.69 -2.23
C VAL A 337 -2.43 14.72 -3.27
N GLY A 338 -3.21 15.79 -3.48
CA GLY A 338 -2.80 16.85 -4.38
C GLY A 338 -1.53 17.53 -3.90
N LYS A 339 -1.40 17.70 -2.59
CA LYS A 339 -0.21 18.30 -1.99
C LYS A 339 1.07 17.55 -2.38
N VAL A 340 1.06 16.24 -2.17
CA VAL A 340 2.22 15.41 -2.48
C VAL A 340 2.54 15.48 -3.97
N LYS A 341 1.53 15.42 -4.82
CA LYS A 341 1.76 15.43 -6.26
C LYS A 341 2.34 16.76 -6.71
N ARG A 342 1.79 17.87 -6.21
CA ARG A 342 2.26 19.20 -6.57
C ARG A 342 3.70 19.42 -6.09
N GLU A 343 3.97 19.05 -4.85
CA GLU A 343 5.32 19.20 -4.30
C GLU A 343 6.31 18.30 -5.02
N LEU A 344 5.90 17.08 -5.37
CA LEU A 344 6.79 16.16 -6.08
C LEU A 344 7.18 16.73 -7.44
N GLU A 345 6.19 17.23 -8.18
CA GLU A 345 6.46 17.84 -9.48
C GLU A 345 7.47 18.98 -9.35
N ALA A 346 7.27 19.86 -8.36
CA ALA A 346 8.15 20.99 -8.14
C ALA A 346 9.57 20.55 -7.84
N LEU A 347 9.73 19.55 -6.98
CA LEU A 347 11.05 19.05 -6.62
C LEU A 347 11.76 18.36 -7.78
N LEU A 348 11.02 17.62 -8.59
CA LEU A 348 11.61 16.99 -9.77
C LEU A 348 12.24 18.07 -10.66
N LYS A 349 11.50 19.15 -10.89
CA LYS A 349 12.00 20.26 -11.70
C LYS A 349 13.24 20.89 -11.06
N GLU A 350 13.17 21.16 -9.75
CA GLU A 350 14.27 21.77 -9.01
C GLU A 350 15.55 20.95 -9.07
N GLN A 351 15.43 19.63 -9.12
CA GLN A 351 16.61 18.76 -9.07
C GLN A 351 17.05 18.30 -10.45
N GLY A 352 16.40 18.81 -11.49
CA GLY A 352 16.82 18.59 -12.86
C GLY A 352 16.39 17.27 -13.48
N PHE A 353 15.35 16.65 -12.91
CA PHE A 353 14.78 15.44 -13.48
C PHE A 353 13.74 15.77 -14.55
N GLY A 354 13.77 15.05 -15.66
CA GLY A 354 12.77 15.23 -16.70
C GLY A 354 11.39 14.75 -16.27
N GLY A 355 11.38 13.76 -15.38
CA GLY A 355 10.14 13.26 -14.83
C GLY A 355 10.45 12.22 -13.76
N VAL A 356 9.40 11.62 -13.21
CA VAL A 356 9.58 10.62 -12.16
C VAL A 356 10.52 9.51 -12.59
N THR A 357 10.36 9.05 -13.83
CA THR A 357 11.13 7.91 -14.31
C THR A 357 12.63 8.15 -14.19
N ASP A 358 13.06 9.37 -14.49
CA ASP A 358 14.47 9.72 -14.44
C ASP A 358 15.01 9.69 -13.01
N ALA A 359 14.11 9.86 -12.03
CA ALA A 359 14.53 9.93 -10.62
C ALA A 359 14.59 8.55 -9.95
N ILE A 360 13.95 7.54 -10.51
CA ILE A 360 13.92 6.23 -9.88
C ILE A 360 15.33 5.66 -9.68
N GLY A 361 15.68 5.42 -8.44
CA GLY A 361 16.96 4.82 -8.09
C GLY A 361 18.14 5.76 -8.24
N ALA A 362 17.87 7.04 -8.44
CA ALA A 362 18.93 8.02 -8.73
C ALA A 362 20.03 8.10 -7.67
N ASP A 363 19.68 7.83 -6.41
CA ASP A 363 20.69 7.90 -5.35
C ASP A 363 21.80 6.86 -5.52
N HIS A 364 21.48 5.78 -6.22
CA HIS A 364 22.42 4.67 -6.41
C HIS A 364 23.43 4.95 -7.51
N ARG A 365 23.15 5.96 -8.31
CA ARG A 365 23.97 6.34 -9.45
C ARG A 365 24.71 7.63 -9.16
N1 FMN B . -1.19 -3.37 4.75
C2 FMN B . -1.58 -4.51 4.10
O2 FMN B . -0.81 -5.06 3.30
N3 FMN B . -2.84 -5.05 4.36
C4 FMN B . -3.72 -4.48 5.24
O4 FMN B . -4.85 -5.00 5.40
C4A FMN B . -3.31 -3.31 5.91
N5 FMN B . -4.15 -2.69 6.83
C5A FMN B . -3.75 -1.51 7.45
C6 FMN B . -4.59 -0.87 8.34
C7 FMN B . -4.21 0.29 8.99
C7M FMN B . -5.18 0.94 9.95
C8 FMN B . -2.95 0.83 8.71
C8M FMN B . -2.49 2.11 9.36
C9 FMN B . -2.11 0.20 7.81
C9A FMN B . -2.49 -0.97 7.18
N10 FMN B . -1.65 -1.61 6.28
C10 FMN B . -2.05 -2.77 5.65
C1' FMN B . -0.27 -1.08 5.99
C2' FMN B . -0.28 0.05 4.98
O2' FMN B . -0.69 -0.51 3.75
C3' FMN B . 1.13 0.64 4.83
O3' FMN B . 2.00 -0.38 4.37
C4' FMN B . 1.66 1.24 6.13
O4' FMN B . 0.61 1.77 6.91
C5' FMN B . 2.72 2.32 5.89
O5' FMN B . 2.21 3.41 5.14
P FMN B . 1.75 4.76 5.88
O1P FMN B . 0.43 4.50 6.61
O2P FMN B . 1.57 5.78 4.80
O3P FMN B . 2.84 5.12 6.87
HN3 FMN B . -3.12 -5.93 3.87
H6 FMN B . -5.58 -1.30 8.55
HM71 FMN B . -4.74 1.85 10.35
HM72 FMN B . -5.40 0.25 10.76
HM73 FMN B . -6.10 1.19 9.42
HM81 FMN B . -1.49 2.35 9.02
HM82 FMN B . -2.47 1.97 10.44
HM83 FMN B . -3.18 2.92 9.12
H9 FMN B . -1.13 0.63 7.60
H1'1 FMN B . 0.35 -1.88 5.63
H1'2 FMN B . 0.16 -0.71 6.93
H2' FMN B . -0.98 0.82 5.30
HO2' FMN B . 0.02 -0.38 3.08
H3' FMN B . 1.08 1.43 4.09
HO3' FMN B . 2.75 -0.46 4.99
H4' FMN B . 2.13 0.43 6.69
HO4' FMN B . 0.80 2.70 7.12
H5'1 FMN B . 3.56 1.89 5.36
H5'2 FMN B . 3.08 2.69 6.85
N1 ORO C . -2.36 -4.28 9.75
C2 ORO C . -1.10 -3.78 9.22
O2 ORO C . -0.55 -2.84 9.77
N3 ORO C . -0.68 -4.48 8.11
C4 ORO C . -1.30 -5.54 7.52
O4 ORO C . -0.83 -6.11 6.54
C5 ORO C . -2.60 -6.03 8.11
C6 ORO C . -3.04 -5.27 9.23
C7 ORO C . -4.38 -5.77 10.01
O71 ORO C . -5.31 -6.12 9.29
O72 ORO C . -4.14 -5.75 11.22
S SO4 D . -11.44 -13.24 -21.82
O1 SO4 D . -10.76 -12.43 -22.82
O2 SO4 D . -12.45 -14.08 -22.46
O3 SO4 D . -10.43 -14.08 -21.16
O4 SO4 D . -12.08 -12.39 -20.83
S SO4 E . 4.24 -13.89 15.14
O1 SO4 E . 4.58 -14.12 13.74
O2 SO4 E . 3.59 -15.07 15.69
O3 SO4 E . 5.46 -13.62 15.90
O4 SO4 E . 3.34 -12.74 15.25
C ACT F . -8.05 -4.51 -15.14
O ACT F . -7.29 -4.90 -16.07
OXT ACT F . -8.77 -3.54 -15.41
CH3 ACT F . -8.10 -5.18 -13.81
H1 ACT F . -8.82 -4.66 -13.17
H2 ACT F . -7.12 -5.11 -13.33
H3 ACT F . -8.39 -6.22 -13.92
C ACT G . -22.08 -3.81 -1.41
O ACT G . -21.43 -3.86 -2.48
OXT ACT G . -22.11 -2.71 -0.84
CH3 ACT G . -22.81 -5.00 -0.86
H1 ACT G . -23.30 -4.73 0.07
H2 ACT G . -22.09 -5.80 -0.67
H3 ACT G . -23.55 -5.35 -1.58
C ACT H . -15.57 -4.43 8.70
O ACT H . -14.82 -5.39 9.04
OXT ACT H . -16.79 -4.67 8.60
CH3 ACT H . -15.02 -3.07 8.42
H1 ACT H . -15.83 -2.40 8.14
H2 ACT H . -14.30 -3.13 7.61
H3 ACT H . -14.52 -2.69 9.31
N1 LDA I . 6.34 14.77 13.28
O1 LDA I . 6.87 14.88 14.42
CM1 LDA I . 5.30 15.90 13.06
CM2 LDA I . 5.44 13.59 13.21
C1 LDA I . 7.34 14.71 12.01
C2 LDA I . 8.11 13.38 11.98
C3 LDA I . 9.65 13.45 11.91
C4 LDA I . 10.32 12.61 13.06
C5 LDA I . 11.19 11.44 12.64
C6 LDA I . 10.67 10.09 13.16
C7 LDA I . 11.78 9.06 13.18
C8 LDA I . 11.38 7.64 13.64
C9 LDA I . 12.49 6.79 14.25
C10 LDA I . 13.88 7.20 13.84
C11 LDA I . 14.88 6.08 13.83
C12 LDA I . 16.09 6.52 13.02
HM11 LDA I . 4.84 15.75 12.08
HM12 LDA I . 5.81 16.87 13.10
HM13 LDA I . 4.51 15.91 13.84
HM21 LDA I . 4.67 13.71 13.96
HM22 LDA I . 5.97 12.61 13.33
HM23 LDA I . 4.96 13.58 12.22
H11 LDA I . 7.99 15.60 12.09
H12 LDA I . 6.73 14.88 11.11
H21 LDA I . 7.70 12.80 11.14
H22 LDA I . 7.80 12.83 12.88
H31 LDA I . 9.96 14.49 11.96
H32 LDA I . 9.96 13.07 10.93
H41 LDA I . 9.54 12.23 13.72
H42 LDA I . 10.93 13.29 13.67
H51 LDA I . 12.21 11.60 12.98
H52 LDA I . 11.22 11.41 11.55
H61 LDA I . 9.86 9.73 12.54
H62 LDA I . 10.28 10.22 14.17
H71 LDA I . 12.22 8.99 12.18
H72 LDA I . 12.58 9.42 13.84
H81 LDA I . 10.93 7.09 12.81
H82 LDA I . 10.59 7.77 14.38
H91 LDA I . 12.36 5.75 13.92
H92 LDA I . 12.38 6.78 15.33
H101 LDA I . 13.86 7.64 12.84
H102 LDA I . 14.25 7.97 14.52
H111 LDA I . 14.47 5.17 13.40
H112 LDA I . 15.20 5.86 14.86
H121 LDA I . 16.84 5.74 12.88
H122 LDA I . 16.63 7.39 13.45
H123 LDA I . 15.82 6.86 12.01
C10 BVU J . -12.95 13.42 4.86
C10 BVU J . -12.57 11.52 3.77
C13 BVU J . -13.83 13.12 2.62
C13 BVU J . -13.84 13.33 2.72
C15 BVU J . -12.69 11.31 3.75
C15 BVU J . -13.06 13.51 4.99
C20 BVU J . -9.17 8.90 10.01
C20 BVU J . -9.15 8.89 10.00
C21 BVU J . -8.97 7.65 9.23
C21 BVU J . -8.94 7.66 9.21
C24 BVU J . -7.80 6.57 11.18
C24 BVU J . -7.76 6.57 11.17
C26 BVU J . -6.94 4.27 11.01
C26 BVU J . -6.89 4.29 10.98
C28 BVU J . -8.06 5.29 9.16
C28 BVU J . -8.01 5.30 9.13
F1 BVU J . -13.58 12.01 7.47
F1 BVU J . -13.56 12.13 7.57
C2 BVU J . -12.38 11.57 7.37
C2 BVU J . -12.36 11.66 7.44
C3 BVU J . -11.73 11.09 8.53
C3 BVU J . -11.71 11.15 8.59
C4 BVU J . -10.42 10.59 8.51
C4 BVU J . -10.42 10.63 8.54
C5 BVU J . -9.80 10.59 7.26
C5 BVU J . -9.80 10.64 7.29
C6 BVU J . -10.45 11.07 6.08
C6 BVU J . -10.45 11.16 6.12
F7 BVU J . -9.79 11.02 4.97
F7 BVU J . -9.81 11.14 5.01
C8 BVU J . -11.77 11.58 6.09
C8 BVU J . -11.77 11.71 6.15
C9 BVU J . -12.46 12.09 4.89
C9 BVU J . -12.45 12.24 4.97
F11 BVU J . -12.77 14.20 5.87
F11 BVU J . -12.06 10.34 3.65
C12 BVU J . -13.62 13.92 3.72
C12 BVU J . -13.26 12.07 2.65
C14 BVU J . -13.36 11.82 2.64
C14 BVU J . -13.73 14.05 3.90
N16 BVU J . -9.77 10.10 9.69
N16 BVU J . -9.77 10.10 9.70
N17 BVU J . -9.65 10.91 10.85
N17 BVU J . -9.64 10.88 10.87
N18 BVU J . -9.04 10.27 11.77
N18 BVU J . -9.03 10.24 11.80
C19 BVU J . -8.71 8.97 11.32
C19 BVU J . -8.69 8.96 11.32
O22 BVU J . -9.39 7.61 8.10
O22 BVU J . -9.35 7.62 8.08
C23 BVU J . -8.26 6.49 9.87
C23 BVU J . -8.23 6.49 9.85
C25 BVU J . -7.14 5.45 11.72
C25 BVU J . -7.10 5.45 11.70
C27 BVU J . -7.41 4.19 9.71
C27 BVU J . -7.36 4.21 9.68
C29 BVU J . -8.00 7.84 11.99
C29 BVU J . -7.98 7.83 11.97
O30 BVU J . -7.60 7.93 13.11
O30 BVU J . -7.59 7.91 13.11
H131 BVU J . -14.36 13.52 1.74
H131 BVU J . -14.37 13.74 1.84
H151 BVU J . -12.35 10.29 3.71
H151 BVU J . -13.02 14.12 5.89
H261 BVU J . -6.42 3.39 11.43
H261 BVU J . -6.37 3.40 11.41
H281 BVU J . -8.40 5.15 8.12
H281 BVU J . -8.34 5.16 8.10
H031 BVU J . -12.30 11.14 9.45
H031 BVU J . -12.27 11.19 9.52
H051 BVU J . -8.78 10.22 7.15
H051 BVU J . -8.79 10.25 7.16
H121 BVU J . -13.98 14.96 3.72
H121 BVU J . -13.34 11.49 1.72
H141 BVU J . -13.53 11.19 1.75
H141 BVU J . -14.19 15.04 3.94
H251 BVU J . -6.73 5.41 12.74
H251 BVU J . -6.70 5.42 12.73
H271 BVU J . -7.25 3.25 9.14
H271 BVU J . -7.18 3.27 9.11
S SO4 K . 19.03 -14.25 10.98
O1 SO4 K . 17.85 -13.83 10.23
O2 SO4 K . 19.49 -15.53 10.45
O3 SO4 K . 18.69 -14.37 12.39
O4 SO4 K . 20.09 -13.25 10.82
NA NA L . -11.16 -4.87 -14.74
NA NA M . 20.95 -11.09 9.49
NA NA N . -4.22 -8.05 -16.29
#